data_7BJ8
#
_entry.id   7BJ8
#
_cell.length_a   105.200
_cell.length_b   105.200
_cell.length_c   97.960
_cell.angle_alpha   90.000
_cell.angle_beta   90.000
_cell.angle_gamma   120.000
#
_symmetry.space_group_name_H-M   'P 64 2 2'
#
loop_
_entity.id
_entity.type
_entity.pdbx_description
1 polymer 'Metallo-beta-lactamase L1'
2 non-polymer '(2~{S},4~{S})-2-ethoxycarbonyl-5,5-dimethyl-2-(sulfanylmethyl)-1,3-thiazolidine-4-carboxylic acid'
3 non-polymer 'ZINC ION'
4 non-polymer 'SULFATE ION'
5 water water
#
_entity_poly.entity_id   1
_entity_poly.type   'polypeptide(L)'
_entity_poly.pdbx_seq_one_letter_code
;GPAEVPLPQLRAYTVDASWLQPMAPLQIADHTWQIGTEDLTALLVQTPDGAVLLDGGMPQMASHLLDNMKARGVTPRDLR
LILLSHAHADHAGPVAELKRRTGAKVAANAESAVLLARGGSDDLHFGDGITYPPANADRIVMDGEVITVGGIVFTAHFMA
GHTPGSTAWTWTDTRNGKPVRIAYADSLSAPGYQLQGNPRYPHLIEDYRRSFATVRALPCDVLLTPHPGASNWDYAAGAR
AGAKALTCKAYADAAEQKFDGQLAKETAGAR
;
_entity_poly.pdbx_strand_id   A
#
# COMPACT_ATOMS: atom_id res chain seq x y z
C GLU A 4 -17.55 -38.63 2.71
N VAL A 5 -17.73 -37.46 3.34
CA VAL A 5 -17.13 -36.25 2.80
C VAL A 5 -16.36 -35.45 3.83
N PRO A 6 -15.04 -35.34 3.68
CA PRO A 6 -14.27 -34.54 4.63
C PRO A 6 -14.51 -33.06 4.43
N LEU A 7 -14.28 -32.31 5.50
CA LEU A 7 -14.24 -30.86 5.36
C LEU A 7 -13.20 -30.48 4.31
N PRO A 8 -13.36 -29.33 3.64
CA PRO A 8 -12.40 -28.96 2.59
C PRO A 8 -11.04 -28.63 3.16
N GLN A 9 -10.01 -28.84 2.35
CA GLN A 9 -8.66 -28.43 2.72
C GLN A 9 -8.56 -26.92 2.73
N LEU A 10 -7.64 -26.40 3.53
CA LEU A 10 -7.33 -24.98 3.48
C LEU A 10 -6.86 -24.60 2.07
N ARG A 11 -7.26 -23.41 1.63
CA ARG A 11 -6.88 -22.89 0.32
C ARG A 11 -5.90 -21.75 0.52
N ALA A 12 -4.77 -21.81 -0.18
CA ALA A 12 -3.78 -20.76 -0.07
C ALA A 12 -4.20 -19.57 -0.91
N TYR A 13 -3.73 -18.40 -0.51
CA TYR A 13 -3.95 -17.16 -1.26
C TYR A 13 -2.97 -17.16 -2.42
N THR A 14 -3.45 -17.54 -3.60
CA THR A 14 -2.64 -17.55 -4.81
C THR A 14 -2.97 -16.35 -5.69
N VAL A 15 -1.97 -15.89 -6.44
CA VAL A 15 -2.06 -14.63 -7.17
C VAL A 15 -1.45 -14.83 -8.56
N ASP A 16 -1.75 -13.88 -9.46
CA ASP A 16 -1.13 -13.88 -10.78
C ASP A 16 0.40 -13.90 -10.66
N ALA A 17 1.05 -14.59 -11.59
CA ALA A 17 2.50 -14.75 -11.54
C ALA A 17 3.20 -13.40 -11.52
N SER A 18 2.69 -12.42 -12.27
CA SER A 18 3.35 -11.12 -12.34
C SER A 18 3.42 -10.46 -10.98
N TRP A 19 2.46 -10.73 -10.10
CA TRP A 19 2.51 -10.18 -8.76
C TRP A 19 3.71 -10.71 -7.98
N LEU A 20 4.24 -11.86 -8.40
CA LEU A 20 5.34 -12.54 -7.71
C LEU A 20 6.61 -12.53 -8.53
N GLN A 21 6.67 -11.73 -9.60
CA GLN A 21 7.81 -11.72 -10.49
C GLN A 21 8.82 -10.68 -9.99
N PRO A 22 9.96 -11.09 -9.44
CA PRO A 22 10.93 -10.09 -8.98
C PRO A 22 11.39 -9.16 -10.09
N MET A 23 11.67 -7.92 -9.71
CA MET A 23 12.30 -6.93 -10.57
C MET A 23 13.45 -6.28 -9.83
N ALA A 24 14.41 -5.76 -10.59
CA ALA A 24 15.47 -4.95 -10.02
C ALA A 24 14.92 -3.59 -9.61
N PRO A 25 15.63 -2.86 -8.75
CA PRO A 25 15.11 -1.56 -8.29
C PRO A 25 14.92 -0.60 -9.46
N LEU A 26 13.81 0.14 -9.42
CA LEU A 26 13.41 1.09 -10.45
C LEU A 26 13.29 2.46 -9.78
N GLN A 27 14.09 3.41 -10.23
CA GLN A 27 14.12 4.71 -9.58
C GLN A 27 12.92 5.53 -9.99
N ILE A 28 12.22 6.09 -8.99
CA ILE A 28 11.09 6.98 -9.20
C ILE A 28 11.50 8.44 -9.08
N ALA A 29 12.32 8.74 -8.07
CA ALA A 29 12.89 10.08 -7.87
C ALA A 29 14.22 9.90 -7.14
N ASP A 30 14.87 11.01 -6.78
CA ASP A 30 16.26 10.95 -6.36
C ASP A 30 16.45 9.96 -5.19
N HIS A 31 15.48 9.88 -4.29
CA HIS A 31 15.61 9.03 -3.11
C HIS A 31 14.60 7.90 -3.05
N THR A 32 13.76 7.75 -4.06
CA THR A 32 12.60 6.86 -3.99
C THR A 32 12.70 5.81 -5.09
N TRP A 33 12.62 4.54 -4.69
CA TRP A 33 12.75 3.41 -5.60
C TRP A 33 11.61 2.41 -5.43
N GLN A 34 11.14 1.87 -6.55
CA GLN A 34 10.30 0.68 -6.53
C GLN A 34 11.19 -0.57 -6.43
N ILE A 35 10.99 -1.37 -5.39
CA ILE A 35 11.87 -2.51 -5.17
C ILE A 35 11.08 -3.80 -4.99
N GLY A 36 9.80 -3.78 -5.33
CA GLY A 36 8.98 -4.96 -5.18
C GLY A 36 9.01 -5.86 -6.41
N THR A 37 7.85 -6.31 -6.85
CA THR A 37 7.71 -7.17 -8.01
C THR A 37 7.11 -6.37 -9.15
N GLU A 38 6.88 -7.04 -10.26
CA GLU A 38 6.38 -6.32 -11.40
C GLU A 38 5.03 -5.73 -11.13
N ASP A 39 4.22 -6.41 -10.40
CA ASP A 39 2.83 -5.98 -10.21
C ASP A 39 2.44 -5.75 -8.76
N LEU A 40 3.40 -5.66 -7.83
CA LEU A 40 3.12 -5.20 -6.46
C LEU A 40 4.15 -4.18 -6.07
N THR A 41 3.67 -3.02 -5.65
CA THR A 41 4.52 -1.93 -5.22
C THR A 41 5.11 -2.18 -3.85
N ALA A 42 6.40 -1.87 -3.72
CA ALA A 42 7.08 -1.78 -2.43
C ALA A 42 8.13 -0.68 -2.60
N LEU A 43 7.94 0.45 -1.94
CA LEU A 43 8.74 1.63 -2.20
C LEU A 43 9.80 1.79 -1.13
N LEU A 44 11.04 1.99 -1.57
CA LEU A 44 12.17 2.25 -0.69
C LEU A 44 12.53 3.72 -0.82
N VAL A 45 12.55 4.43 0.30
CA VAL A 45 12.99 5.81 0.35
C VAL A 45 14.26 5.83 1.18
N GLN A 46 15.34 6.25 0.53
CA GLN A 46 16.68 6.19 1.10
C GLN A 46 17.12 7.58 1.50
N THR A 47 17.55 7.74 2.74
CA THR A 47 17.96 9.00 3.27
C THR A 47 19.31 8.89 3.97
N PRO A 48 19.91 10.03 4.24
CA PRO A 48 21.21 10.00 4.95
C PRO A 48 21.10 9.47 6.38
N ASP A 49 19.89 9.39 6.94
CA ASP A 49 19.61 8.87 8.27
C ASP A 49 18.80 7.58 8.26
N GLY A 50 18.96 6.75 7.23
CA GLY A 50 18.29 5.45 7.16
C GLY A 50 17.20 5.46 6.11
N ALA A 51 16.56 4.29 5.99
CA ALA A 51 15.64 4.04 4.89
C ALA A 51 14.24 3.74 5.42
N VAL A 52 13.27 4.01 4.57
CA VAL A 52 11.86 3.76 4.85
C VAL A 52 11.35 2.84 3.76
N LEU A 53 10.55 1.86 4.15
CA LEU A 53 9.84 0.98 3.21
C LEU A 53 8.35 1.25 3.33
N LEU A 54 7.70 1.50 2.18
CA LEU A 54 6.25 1.63 2.13
C LEU A 54 5.72 0.42 1.40
N ASP A 55 5.04 -0.46 2.15
CA ASP A 55 4.53 -1.75 1.73
C ASP A 55 5.64 -2.75 1.42
N GLY A 56 5.30 -4.02 1.47
CA GLY A 56 6.24 -5.09 1.20
C GLY A 56 5.70 -6.11 0.23
N GLY A 57 4.43 -6.01 -0.14
CA GLY A 57 3.87 -7.01 -1.02
C GLY A 57 3.42 -8.28 -0.33
N MET A 58 3.62 -9.41 -0.99
CA MET A 58 3.17 -10.72 -0.52
C MET A 58 4.15 -11.27 0.52
N PRO A 59 3.71 -12.23 1.33
CA PRO A 59 4.59 -12.76 2.40
C PRO A 59 5.87 -13.32 1.88
N GLN A 60 5.85 -13.95 0.72
CA GLN A 60 7.05 -14.62 0.29
C GLN A 60 8.06 -13.65 -0.33
N MET A 61 7.81 -12.34 -0.30
CA MET A 61 8.72 -11.37 -0.90
C MET A 61 9.82 -10.87 0.03
N ALA A 62 9.89 -11.31 1.28
CA ALA A 62 10.81 -10.67 2.23
C ALA A 62 12.25 -10.73 1.72
N SER A 63 12.72 -11.90 1.31
CA SER A 63 14.13 -12.01 0.97
C SER A 63 14.45 -11.19 -0.27
N HIS A 64 13.53 -11.16 -1.23
CA HIS A 64 13.74 -10.34 -2.42
C HIS A 64 13.84 -8.86 -2.07
N LEU A 65 12.98 -8.39 -1.18
CA LEU A 65 13.06 -7.00 -0.73
C LEU A 65 14.41 -6.72 -0.11
N LEU A 66 14.86 -7.63 0.69
CA LEU A 66 16.14 -7.49 1.34
C LEU A 66 17.29 -7.49 0.33
N ASP A 67 17.22 -8.30 -0.69
CA ASP A 67 18.22 -8.30 -1.77
C ASP A 67 18.27 -6.95 -2.47
N ASN A 68 17.10 -6.39 -2.77
CA ASN A 68 17.05 -5.11 -3.47
C ASN A 68 17.51 -3.97 -2.57
N MET A 69 17.19 -4.04 -1.27
CA MET A 69 17.74 -3.07 -0.34
C MET A 69 19.26 -3.10 -0.38
N LYS A 70 19.83 -4.30 -0.29
CA LYS A 70 21.27 -4.48 -0.35
C LYS A 70 21.85 -3.91 -1.64
N ALA A 71 21.23 -4.23 -2.78
CA ALA A 71 21.64 -3.64 -4.06
C ALA A 71 21.69 -2.12 -4.00
N ARG A 72 20.82 -1.51 -3.20
CA ARG A 72 20.75 -0.06 -3.08
C ARG A 72 21.70 0.50 -2.03
N GLY A 73 22.37 -0.35 -1.29
CA GLY A 73 23.26 0.10 -0.24
C GLY A 73 22.64 0.13 1.13
N VAL A 74 21.44 -0.42 1.27
CA VAL A 74 20.69 -0.43 2.53
C VAL A 74 20.87 -1.80 3.17
N THR A 75 21.51 -1.83 4.31
CA THR A 75 21.61 -3.06 5.08
C THR A 75 20.39 -3.18 5.98
N PRO A 76 20.20 -4.35 6.56
CA PRO A 76 19.05 -4.52 7.47
C PRO A 76 19.00 -3.49 8.60
N ARG A 77 20.15 -3.12 9.18
CA ARG A 77 20.12 -2.14 10.26
C ARG A 77 19.71 -0.77 9.75
N ASP A 78 19.92 -0.48 8.45
CA ASP A 78 19.60 0.84 7.93
C ASP A 78 18.12 1.05 7.71
N LEU A 79 17.34 -0.03 7.60
CA LEU A 79 15.90 0.11 7.43
C LEU A 79 15.28 0.50 8.76
N ARG A 80 14.77 1.71 8.86
CA ARG A 80 14.31 2.27 10.12
C ARG A 80 12.80 2.14 10.30
N LEU A 81 12.05 2.15 9.21
CA LEU A 81 10.62 2.39 9.29
C LEU A 81 9.92 1.64 8.18
N ILE A 82 8.80 1.00 8.53
CA ILE A 82 7.88 0.44 7.53
C ILE A 82 6.56 1.17 7.69
N LEU A 83 6.04 1.67 6.58
CA LEU A 83 4.73 2.28 6.47
C LEU A 83 3.88 1.41 5.56
N LEU A 84 2.56 1.46 5.76
CA LEU A 84 1.66 0.61 4.99
C LEU A 84 0.56 1.41 4.33
N SER A 85 0.20 1.01 3.12
CA SER A 85 -1.02 1.49 2.50
C SER A 85 -2.25 0.90 3.22
N HIS A 86 -2.34 -0.44 3.23
CA HIS A 86 -3.34 -1.13 4.03
C HIS A 86 -2.84 -2.53 4.33
N ALA A 87 -3.44 -3.14 5.36
CA ALA A 87 -2.89 -4.35 5.94
C ALA A 87 -3.54 -5.60 5.38
N HIS A 88 -3.62 -5.72 4.06
CA HIS A 88 -3.95 -6.98 3.42
C HIS A 88 -2.70 -7.76 3.08
N ALA A 89 -2.90 -9.06 2.83
CA ALA A 89 -1.78 -9.97 2.72
C ALA A 89 -0.86 -9.66 1.55
N ASP A 90 -1.36 -9.00 0.52
CA ASP A 90 -0.54 -8.73 -0.64
C ASP A 90 0.16 -7.39 -0.57
N HIS A 91 0.06 -6.69 0.57
CA HIS A 91 0.81 -5.47 0.75
C HIS A 91 1.60 -5.46 2.04
N ALA A 92 1.06 -6.10 3.08
CA ALA A 92 1.70 -6.22 4.38
C ALA A 92 2.26 -7.61 4.65
N GLY A 93 2.19 -8.51 3.67
CA GLY A 93 2.50 -9.90 3.89
C GLY A 93 3.81 -10.17 4.62
N PRO A 94 4.91 -9.54 4.20
CA PRO A 94 6.21 -9.85 4.79
C PRO A 94 6.60 -8.99 5.98
N VAL A 95 5.70 -8.15 6.49
CA VAL A 95 6.07 -7.20 7.53
C VAL A 95 6.64 -7.92 8.75
N ALA A 96 5.96 -8.96 9.23
CA ALA A 96 6.46 -9.63 10.43
C ALA A 96 7.89 -10.10 10.24
N GLU A 97 8.16 -10.72 9.08
CA GLU A 97 9.49 -11.26 8.84
C GLU A 97 10.53 -10.16 8.68
N LEU A 98 10.15 -9.07 8.00
CA LEU A 98 11.08 -7.95 7.88
C LEU A 98 11.43 -7.37 9.23
N LYS A 99 10.46 -7.30 10.15
CA LYS A 99 10.79 -6.78 11.47
C LYS A 99 11.77 -7.68 12.19
N ARG A 100 11.63 -9.00 12.01
CA ARG A 100 12.56 -9.94 12.64
C ARG A 100 13.96 -9.82 12.06
N ARG A 101 14.07 -9.43 10.79
CA ARG A 101 15.33 -9.50 10.06
C ARG A 101 16.00 -8.13 9.86
N THR A 102 15.35 -7.03 10.24
CA THR A 102 15.89 -5.70 10.08
C THR A 102 15.69 -4.91 11.37
N GLY A 103 16.23 -3.71 11.40
CA GLY A 103 15.93 -2.81 12.50
C GLY A 103 14.59 -2.10 12.41
N ALA A 104 13.72 -2.52 11.50
CA ALA A 104 12.59 -1.69 11.11
C ALA A 104 11.50 -1.72 12.17
N LYS A 105 10.89 -0.57 12.38
CA LYS A 105 9.69 -0.44 13.19
C LYS A 105 8.54 -0.03 12.28
N VAL A 106 7.33 -0.44 12.65
CA VAL A 106 6.12 -0.18 11.87
C VAL A 106 5.36 0.99 12.47
N ALA A 107 4.96 1.94 11.64
CA ALA A 107 4.03 2.99 12.04
C ALA A 107 2.76 2.82 11.23
N ALA A 108 1.61 2.84 11.91
CA ALA A 108 0.33 2.64 11.24
C ALA A 108 -0.79 3.27 12.05
N ASN A 109 -1.93 3.51 11.40
CA ASN A 109 -3.07 3.98 12.17
C ASN A 109 -3.70 2.82 12.93
N ALA A 110 -4.58 3.16 13.87
CA ALA A 110 -5.15 2.15 14.76
C ALA A 110 -5.84 1.03 13.99
N GLU A 111 -6.62 1.37 12.96
CA GLU A 111 -7.33 0.33 12.24
C GLU A 111 -6.35 -0.62 11.58
N SER A 112 -5.34 -0.07 10.91
CA SER A 112 -4.36 -0.92 10.26
C SER A 112 -3.59 -1.74 11.27
N ALA A 113 -3.26 -1.14 12.42
CA ALA A 113 -2.53 -1.88 13.45
C ALA A 113 -3.34 -3.07 13.94
N VAL A 114 -4.66 -2.90 14.13
N VAL A 114 -4.65 -2.93 14.13
CA VAL A 114 -5.48 -3.99 14.65
CA VAL A 114 -5.39 -4.06 14.63
C VAL A 114 -5.56 -5.11 13.62
C VAL A 114 -5.59 -5.15 13.60
N LEU A 115 -5.66 -4.76 12.36
CA LEU A 115 -5.77 -5.78 11.31
C LEU A 115 -4.43 -6.47 11.11
N LEU A 116 -3.33 -5.70 11.15
CA LEU A 116 -1.99 -6.25 11.06
C LEU A 116 -1.74 -7.23 12.21
N ALA A 117 -2.14 -6.87 13.43
CA ALA A 117 -1.95 -7.70 14.61
C ALA A 117 -2.72 -9.02 14.55
N ARG A 118 -3.79 -9.13 13.77
CA ARG A 118 -4.42 -10.42 13.61
C ARG A 118 -4.11 -11.03 12.25
N GLY A 119 -3.05 -10.58 11.60
CA GLY A 119 -2.57 -11.21 10.37
C GLY A 119 -3.61 -11.21 9.27
N GLY A 120 -4.47 -10.18 9.24
CA GLY A 120 -5.52 -10.09 8.24
C GLY A 120 -6.71 -11.00 8.47
N SER A 121 -6.74 -11.74 9.57
CA SER A 121 -7.86 -12.60 9.87
C SER A 121 -9.06 -11.78 10.31
N ASP A 122 -10.23 -12.40 10.25
CA ASP A 122 -11.50 -11.73 10.58
C ASP A 122 -11.62 -10.42 9.82
N ASP A 123 -11.25 -10.46 8.54
CA ASP A 123 -11.42 -9.32 7.66
C ASP A 123 -12.90 -9.01 7.49
N LEU A 124 -13.24 -7.72 7.40
CA LEU A 124 -14.65 -7.35 7.33
C LEU A 124 -15.34 -7.98 6.14
N HIS A 125 -14.60 -8.24 5.06
CA HIS A 125 -15.20 -8.78 3.84
C HIS A 125 -14.67 -10.13 3.43
N PHE A 126 -13.40 -10.42 3.72
CA PHE A 126 -12.75 -11.66 3.30
C PHE A 126 -12.78 -12.74 4.37
N GLY A 127 -13.20 -12.41 5.59
CA GLY A 127 -13.16 -13.40 6.65
C GLY A 127 -11.74 -13.81 6.96
N ASP A 128 -11.47 -15.12 6.98
CA ASP A 128 -10.15 -15.68 7.20
C ASP A 128 -9.53 -16.20 5.91
N GLY A 129 -10.03 -15.75 4.77
CA GLY A 129 -9.58 -16.32 3.52
C GLY A 129 -8.24 -15.80 3.05
N ILE A 130 -7.81 -14.66 3.55
CA ILE A 130 -6.60 -14.01 3.06
C ILE A 130 -5.85 -13.51 4.27
N THR A 131 -4.99 -14.36 4.83
CA THR A 131 -4.26 -14.08 6.06
C THR A 131 -2.77 -14.14 5.81
N TYR A 132 -2.02 -13.73 6.82
CA TYR A 132 -0.56 -13.63 6.72
C TYR A 132 0.00 -13.55 8.13
N PRO A 133 1.33 -13.61 8.29
CA PRO A 133 1.90 -13.59 9.64
C PRO A 133 1.62 -12.29 10.37
N PRO A 134 1.07 -12.34 11.57
CA PRO A 134 0.72 -11.09 12.26
C PRO A 134 1.97 -10.35 12.70
N ALA A 135 1.79 -9.05 12.87
CA ALA A 135 2.88 -8.17 13.31
C ALA A 135 2.27 -7.07 14.14
N ASN A 136 3.10 -6.50 15.02
CA ASN A 136 2.71 -5.40 15.88
C ASN A 136 3.22 -4.09 15.31
N ALA A 137 2.40 -3.05 15.42
CA ALA A 137 2.85 -1.70 15.16
C ALA A 137 3.61 -1.16 16.34
N ASP A 138 4.65 -0.38 16.07
CA ASP A 138 5.45 0.26 17.10
C ASP A 138 5.03 1.69 17.38
N ARG A 139 4.32 2.29 16.44
CA ARG A 139 3.84 3.66 16.55
C ARG A 139 2.47 3.75 15.89
N ILE A 140 1.52 4.38 16.60
CA ILE A 140 0.18 4.61 16.05
C ILE A 140 0.13 6.05 15.54
N VAL A 141 -0.31 6.23 14.29
CA VAL A 141 -0.40 7.56 13.71
C VAL A 141 -1.86 7.96 13.54
N MET A 142 -2.08 9.26 13.65
CA MET A 142 -3.36 9.92 13.49
C MET A 142 -3.40 10.60 12.13
N ASP A 143 -4.62 10.91 11.69
CA ASP A 143 -4.79 11.48 10.36
C ASP A 143 -4.03 12.80 10.26
N GLY A 144 -3.27 12.95 9.18
CA GLY A 144 -2.50 14.16 8.97
C GLY A 144 -1.21 14.23 9.75
N GLU A 145 -0.89 13.22 10.54
CA GLU A 145 0.35 13.21 11.30
C GLU A 145 1.54 13.03 10.35
N VAL A 146 2.66 13.62 10.74
CA VAL A 146 3.87 13.52 9.92
C VAL A 146 4.90 12.66 10.64
N ILE A 147 5.67 11.93 9.84
CA ILE A 147 6.87 11.26 10.32
C ILE A 147 8.02 11.69 9.44
N THR A 148 9.14 12.04 10.06
CA THR A 148 10.30 12.54 9.35
C THR A 148 11.45 11.57 9.50
N VAL A 149 12.05 11.18 8.38
CA VAL A 149 13.22 10.33 8.39
C VAL A 149 14.29 10.99 7.53
N GLY A 150 15.43 11.30 8.14
CA GLY A 150 16.50 12.03 7.50
C GLY A 150 15.99 13.11 6.59
N GLY A 151 14.99 13.84 7.07
CA GLY A 151 14.51 15.00 6.35
C GLY A 151 13.59 14.75 5.18
N ILE A 152 13.16 13.52 4.95
CA ILE A 152 12.01 13.30 4.11
C ILE A 152 10.82 13.27 5.06
N VAL A 153 9.83 14.10 4.78
CA VAL A 153 8.66 14.24 5.64
C VAL A 153 7.53 13.46 5.00
N PHE A 154 7.02 12.46 5.73
CA PHE A 154 5.92 11.64 5.25
C PHE A 154 4.65 12.06 5.97
N THR A 155 3.58 12.33 5.22
CA THR A 155 2.32 12.75 5.82
C THR A 155 1.26 11.69 5.57
N ALA A 156 0.51 11.36 6.62
CA ALA A 156 -0.57 10.39 6.50
C ALA A 156 -1.88 11.07 6.14
N HIS A 157 -2.61 10.48 5.18
CA HIS A 157 -3.92 10.95 4.76
C HIS A 157 -4.85 9.75 4.79
N PHE A 158 -5.68 9.66 5.82
CA PHE A 158 -6.58 8.52 5.91
C PHE A 158 -7.56 8.55 4.75
N MET A 159 -7.83 7.38 4.20
CA MET A 159 -8.74 7.23 3.08
C MET A 159 -9.44 5.88 3.23
N ALA A 160 -10.19 5.79 4.31
CA ALA A 160 -10.91 4.58 4.69
C ALA A 160 -11.82 4.13 3.58
N GLY A 161 -11.92 2.81 3.42
CA GLY A 161 -12.90 2.24 2.52
C GLY A 161 -12.46 0.85 2.13
N HIS A 162 -11.41 0.76 1.31
CA HIS A 162 -10.91 -0.55 0.93
C HIS A 162 -10.60 -1.39 2.17
N THR A 163 -9.97 -0.80 3.16
CA THR A 163 -9.99 -1.26 4.54
C THR A 163 -10.28 -0.05 5.41
N PRO A 164 -10.76 -0.27 6.63
CA PRO A 164 -10.98 0.88 7.53
C PRO A 164 -9.73 1.72 7.72
N GLY A 165 -8.56 1.10 7.68
CA GLY A 165 -7.30 1.77 7.95
C GLY A 165 -6.54 2.23 6.72
N SER A 166 -7.14 2.16 5.54
CA SER A 166 -6.46 2.57 4.32
C SER A 166 -5.92 3.98 4.46
N THR A 167 -4.68 4.17 4.01
CA THR A 167 -3.91 5.39 4.18
C THR A 167 -3.21 5.73 2.87
N ALA A 168 -3.22 7.01 2.51
CA ALA A 168 -2.31 7.54 1.51
C ALA A 168 -1.12 8.17 2.24
N TRP A 169 0.08 7.96 1.71
CA TRP A 169 1.28 8.57 2.25
C TRP A 169 1.84 9.52 1.21
N THR A 170 2.17 10.75 1.62
CA THR A 170 2.76 11.71 0.69
C THR A 170 4.08 12.22 1.21
N TRP A 171 4.95 12.55 0.27
CA TRP A 171 6.22 13.15 0.63
C TRP A 171 6.77 13.86 -0.59
N THR A 172 7.75 14.74 -0.34
CA THR A 172 8.38 15.51 -1.40
C THR A 172 9.80 15.02 -1.57
N ASP A 173 10.10 14.55 -2.78
CA ASP A 173 11.44 14.16 -3.21
C ASP A 173 11.91 15.19 -4.23
N THR A 174 13.01 14.89 -4.92
CA THR A 174 13.56 15.77 -5.93
C THR A 174 13.83 14.96 -7.19
N ARG A 175 13.88 15.69 -8.28
CA ARG A 175 14.21 15.12 -9.56
C ARG A 175 14.64 16.22 -10.52
N ASN A 176 15.76 16.01 -11.21
CA ASN A 176 16.29 17.02 -12.12
C ASN A 176 16.30 18.40 -11.46
N GLY A 177 16.65 18.43 -10.19
CA GLY A 177 16.81 19.67 -9.47
C GLY A 177 15.54 20.27 -8.90
N LYS A 178 14.36 19.73 -9.22
CA LYS A 178 13.12 20.33 -8.78
C LYS A 178 12.35 19.43 -7.82
N PRO A 179 11.50 20.00 -6.99
CA PRO A 179 10.69 19.17 -6.08
C PRO A 179 9.74 18.27 -6.86
N VAL A 180 9.52 17.06 -6.33
CA VAL A 180 8.51 16.13 -6.83
C VAL A 180 7.67 15.70 -5.65
N ARG A 181 6.39 16.09 -5.65
CA ARG A 181 5.46 15.69 -4.60
C ARG A 181 4.90 14.32 -4.97
N ILE A 182 5.30 13.30 -4.24
CA ILE A 182 4.91 11.93 -4.52
C ILE A 182 3.70 11.59 -3.64
N ALA A 183 2.71 10.97 -4.24
CA ALA A 183 1.53 10.51 -3.50
C ALA A 183 1.40 9.01 -3.68
N TYR A 184 1.53 8.26 -2.59
CA TYR A 184 1.33 6.82 -2.62
C TYR A 184 -0.09 6.62 -2.10
N ALA A 185 -1.06 6.54 -3.00
CA ALA A 185 -2.46 6.49 -2.61
C ALA A 185 -2.90 5.04 -2.57
N ASP A 186 -3.70 4.70 -1.56
CA ASP A 186 -4.12 3.33 -1.39
C ASP A 186 -5.18 2.96 -2.41
N SER A 187 -5.49 1.67 -2.41
CA SER A 187 -6.57 1.14 -3.24
C SER A 187 -7.88 1.81 -2.91
N LEU A 188 -8.69 2.00 -3.95
CA LEU A 188 -10.06 2.50 -3.85
C LEU A 188 -11.06 1.49 -4.40
N SER A 189 -10.65 0.25 -4.53
CA SER A 189 -11.50 -0.81 -5.04
C SER A 189 -12.33 -1.40 -3.90
N ALA A 190 -13.34 -2.19 -4.26
CA ALA A 190 -14.22 -2.84 -3.28
C ALA A 190 -14.56 -4.22 -3.80
N PRO A 191 -13.55 -5.11 -3.89
CA PRO A 191 -13.70 -6.38 -4.61
C PRO A 191 -14.61 -7.39 -3.92
N GLY A 192 -15.78 -7.60 -4.50
CA GLY A 192 -16.81 -8.47 -3.93
C GLY A 192 -17.43 -7.96 -2.64
N TYR A 193 -17.19 -6.71 -2.29
CA TYR A 193 -17.71 -6.20 -1.04
C TYR A 193 -19.21 -6.00 -1.13
N GLN A 194 -19.88 -6.28 -0.02
CA GLN A 194 -21.25 -5.79 0.14
C GLN A 194 -21.15 -4.33 0.56
N LEU A 195 -21.63 -3.43 -0.28
CA LEU A 195 -21.44 -2.00 -0.05
C LEU A 195 -22.56 -1.41 0.81
N GLN A 196 -23.80 -1.76 0.51
CA GLN A 196 -24.97 -1.17 1.13
C GLN A 196 -25.43 -2.02 2.30
N GLY A 197 -25.69 -1.38 3.43
CA GLY A 197 -26.26 -2.08 4.57
C GLY A 197 -25.36 -3.16 5.11
N ASN A 198 -24.04 -2.97 5.02
CA ASN A 198 -23.10 -3.96 5.53
C ASN A 198 -23.04 -3.85 7.06
N PRO A 199 -23.49 -4.86 7.81
CA PRO A 199 -23.51 -4.72 9.28
C PRO A 199 -22.12 -4.56 9.88
N ARG A 200 -21.09 -5.11 9.23
CA ARG A 200 -19.73 -4.95 9.71
C ARG A 200 -19.11 -3.61 9.32
N TYR A 201 -19.71 -2.85 8.41
CA TYR A 201 -19.17 -1.57 7.98
C TYR A 201 -20.32 -0.67 7.57
N PRO A 202 -21.08 -0.16 8.53
CA PRO A 202 -22.32 0.51 8.17
C PRO A 202 -22.13 1.80 7.41
N HIS A 203 -21.03 2.54 7.62
CA HIS A 203 -20.81 3.79 6.90
C HIS A 203 -19.84 3.60 5.73
N LEU A 204 -19.72 2.38 5.20
CA LEU A 204 -18.80 2.09 4.11
C LEU A 204 -18.93 3.10 2.98
N ILE A 205 -20.17 3.34 2.50
CA ILE A 205 -20.32 4.18 1.31
C ILE A 205 -19.84 5.60 1.60
N GLU A 206 -20.23 6.15 2.74
CA GLU A 206 -19.82 7.51 3.10
C GLU A 206 -18.29 7.61 3.20
N ASP A 207 -17.65 6.55 3.71
CA ASP A 207 -16.19 6.57 3.84
C ASP A 207 -15.53 6.56 2.47
N TYR A 208 -16.00 5.70 1.57
CA TYR A 208 -15.47 5.73 0.21
C TYR A 208 -15.65 7.09 -0.43
N ARG A 209 -16.85 7.70 -0.32
CA ARG A 209 -17.02 8.99 -0.97
C ARG A 209 -16.05 10.03 -0.39
N ARG A 210 -15.84 10.01 0.91
CA ARG A 210 -14.91 10.98 1.48
C ARG A 210 -13.49 10.69 1.02
N SER A 211 -13.17 9.40 0.85
CA SER A 211 -11.84 9.01 0.39
C SER A 211 -11.58 9.39 -1.06
N PHE A 212 -12.59 9.29 -1.93
CA PHE A 212 -12.40 9.82 -3.28
C PHE A 212 -11.99 11.28 -3.24
N ALA A 213 -12.66 12.06 -2.38
CA ALA A 213 -12.36 13.48 -2.28
C ALA A 213 -10.96 13.71 -1.73
N THR A 214 -10.55 12.89 -0.76
CA THR A 214 -9.21 13.01 -0.19
C THR A 214 -8.16 12.75 -1.26
N VAL A 215 -8.35 11.69 -2.03
CA VAL A 215 -7.36 11.34 -3.06
C VAL A 215 -7.27 12.43 -4.12
N ARG A 216 -8.43 12.95 -4.56
CA ARG A 216 -8.49 14.00 -5.57
C ARG A 216 -7.65 15.20 -5.17
N ALA A 217 -7.61 15.50 -3.88
CA ALA A 217 -6.96 16.73 -3.42
C ALA A 217 -5.53 16.54 -2.95
N LEU A 218 -4.97 15.34 -3.02
CA LEU A 218 -3.62 15.14 -2.50
C LEU A 218 -2.60 15.98 -3.27
N PRO A 219 -1.51 16.40 -2.61
CA PRO A 219 -0.37 16.94 -3.35
C PRO A 219 0.27 15.81 -4.14
N CYS A 220 0.38 16.00 -5.46
CA CYS A 220 0.48 14.83 -6.31
C CYS A 220 1.11 15.15 -7.66
N ASP A 221 2.42 15.40 -7.70
CA ASP A 221 3.09 15.45 -8.99
C ASP A 221 3.22 14.06 -9.60
N VAL A 222 3.40 13.05 -8.75
CA VAL A 222 3.52 11.66 -9.19
C VAL A 222 2.65 10.81 -8.29
N LEU A 223 1.72 10.08 -8.89
CA LEU A 223 0.88 9.14 -8.17
C LEU A 223 1.47 7.73 -8.31
N LEU A 224 1.57 7.02 -7.19
CA LEU A 224 1.87 5.60 -7.17
C LEU A 224 0.76 4.89 -6.39
N THR A 225 0.50 3.63 -6.73
CA THR A 225 -0.55 2.87 -6.05
C THR A 225 -0.04 1.47 -5.74
N PRO A 226 -0.63 0.82 -4.71
CA PRO A 226 -0.11 -0.49 -4.30
C PRO A 226 -0.16 -1.53 -5.41
N HIS A 227 -1.25 -1.53 -6.19
CA HIS A 227 -1.29 -2.27 -7.44
C HIS A 227 -0.96 -1.28 -8.55
N PRO A 228 0.21 -1.39 -9.19
CA PRO A 228 0.62 -0.32 -10.10
C PRO A 228 -0.35 -0.08 -11.23
N GLY A 229 -1.05 -1.12 -11.68
CA GLY A 229 -1.97 -0.96 -12.79
C GLY A 229 -3.10 0.00 -12.48
N ALA A 230 -3.43 0.17 -11.20
CA ALA A 230 -4.53 1.04 -10.82
C ALA A 230 -4.21 2.49 -11.13
N SER A 231 -2.94 2.86 -11.15
CA SER A 231 -2.53 4.20 -11.53
C SER A 231 -1.83 4.23 -12.88
N ASN A 232 -1.90 3.14 -13.63
CA ASN A 232 -1.39 3.03 -14.99
C ASN A 232 0.13 3.05 -15.05
N TRP A 233 0.76 2.62 -13.97
CA TRP A 233 2.19 2.32 -14.00
C TRP A 233 2.43 0.96 -14.63
N ASP A 234 3.56 0.83 -15.33
CA ASP A 234 4.05 -0.44 -15.88
C ASP A 234 5.49 -0.61 -15.43
N TYR A 235 5.69 -1.28 -14.29
CA TYR A 235 7.04 -1.37 -13.75
C TYR A 235 7.99 -2.10 -14.67
N ALA A 236 7.49 -2.94 -15.57
CA ALA A 236 8.40 -3.64 -16.47
C ALA A 236 8.79 -2.82 -17.69
N ALA A 237 8.31 -1.59 -17.83
CA ALA A 237 8.56 -0.78 -19.02
C ALA A 237 9.75 0.16 -18.86
N GLY A 238 10.56 -0.02 -17.83
CA GLY A 238 11.85 0.66 -17.79
C GLY A 238 11.72 2.17 -17.75
N ALA A 239 12.34 2.82 -18.73
CA ALA A 239 12.41 4.29 -18.77
C ALA A 239 11.05 4.93 -18.94
N ARG A 240 10.06 4.16 -19.37
CA ARG A 240 8.71 4.68 -19.56
C ARG A 240 7.72 4.05 -18.59
N ALA A 241 8.21 3.45 -17.50
CA ALA A 241 7.36 2.80 -16.52
C ALA A 241 6.24 3.71 -16.03
N GLY A 242 6.55 4.97 -15.75
CA GLY A 242 5.60 5.92 -15.21
C GLY A 242 5.03 6.87 -16.23
N ALA A 243 5.32 6.67 -17.51
CA ALA A 243 4.92 7.66 -18.50
C ALA A 243 3.40 7.83 -18.55
N LYS A 244 2.66 6.73 -18.41
CA LYS A 244 1.20 6.80 -18.57
C LYS A 244 0.48 6.98 -17.25
N ALA A 245 1.21 7.19 -16.17
CA ALA A 245 0.58 7.26 -14.86
C ALA A 245 -0.55 8.29 -14.83
N LEU A 246 -1.62 7.94 -14.12
CA LEU A 246 -2.72 8.85 -13.88
C LEU A 246 -2.33 9.93 -12.87
N THR A 247 -3.02 11.06 -12.95
CA THR A 247 -3.06 11.99 -11.84
C THR A 247 -3.88 11.42 -10.69
N CYS A 248 -3.69 12.00 -9.49
CA CYS A 248 -4.56 11.64 -8.38
C CYS A 248 -6.02 11.93 -8.71
N LYS A 249 -6.28 13.06 -9.39
CA LYS A 249 -7.65 13.43 -9.76
C LYS A 249 -8.28 12.36 -10.67
N ALA A 250 -7.51 11.91 -11.67
CA ALA A 250 -8.03 10.92 -12.60
C ALA A 250 -8.23 9.59 -11.91
N TYR A 251 -7.32 9.25 -11.00
CA TYR A 251 -7.43 8.00 -10.27
C TYR A 251 -8.69 8.00 -9.42
N ALA A 252 -8.94 9.11 -8.73
CA ALA A 252 -10.12 9.22 -7.87
C ALA A 252 -11.39 9.19 -8.69
N ASP A 253 -11.39 9.88 -9.83
CA ASP A 253 -12.58 9.89 -10.67
C ASP A 253 -12.88 8.50 -11.22
N ALA A 254 -11.85 7.77 -11.65
CA ALA A 254 -12.08 6.43 -12.20
C ALA A 254 -12.61 5.51 -11.12
N ALA A 255 -12.07 5.62 -9.90
CA ALA A 255 -12.49 4.74 -8.83
C ALA A 255 -13.93 5.04 -8.43
N GLU A 256 -14.32 6.32 -8.48
CA GLU A 256 -15.68 6.67 -8.09
C GLU A 256 -16.66 6.20 -9.14
N GLN A 257 -16.31 6.33 -10.41
CA GLN A 257 -17.16 5.83 -11.47
C GLN A 257 -17.33 4.31 -11.37
N LYS A 258 -16.24 3.58 -11.12
CA LYS A 258 -16.37 2.14 -10.92
C LYS A 258 -17.23 1.82 -9.70
N PHE A 259 -17.03 2.57 -8.61
CA PHE A 259 -17.78 2.33 -7.38
C PHE A 259 -19.27 2.55 -7.60
N ASP A 260 -19.63 3.63 -8.31
CA ASP A 260 -21.02 3.91 -8.61
C ASP A 260 -21.64 2.81 -9.45
N GLY A 261 -20.87 2.25 -10.40
CA GLY A 261 -21.36 1.13 -11.18
C GLY A 261 -21.58 -0.09 -10.31
N GLN A 262 -20.69 -0.32 -9.35
CA GLN A 262 -20.82 -1.47 -8.47
C GLN A 262 -22.05 -1.33 -7.58
N LEU A 263 -22.31 -0.10 -7.12
CA LEU A 263 -23.50 0.16 -6.30
C LEU A 263 -24.75 -0.18 -7.08
N ALA A 264 -24.80 0.26 -8.34
CA ALA A 264 -25.97 -0.02 -9.17
C ALA A 264 -26.11 -1.50 -9.44
N LYS A 265 -25.00 -2.20 -9.66
CA LYS A 265 -25.04 -3.65 -9.88
C LYS A 265 -25.48 -4.37 -8.62
N GLU A 266 -25.04 -3.91 -7.45
CA GLU A 266 -25.44 -4.53 -6.20
C GLU A 266 -26.94 -4.37 -5.97
N THR A 267 -27.47 -3.18 -6.21
CA THR A 267 -28.92 -2.97 -6.12
C THR A 267 -29.68 -3.89 -7.06
N ALA A 268 -29.14 -4.12 -8.25
CA ALA A 268 -29.79 -5.02 -9.20
C ALA A 268 -29.49 -6.49 -8.95
N GLY A 269 -28.58 -6.81 -8.03
CA GLY A 269 -28.13 -8.18 -7.83
C GLY A 269 -28.59 -8.75 -6.51
#